data_1RYH
#
_entry.id   1RYH
#
_cell.length_a   51.550
_cell.length_b   78.670
_cell.length_c   96.880
_cell.angle_alpha   90.00
_cell.angle_beta   90.00
_cell.angle_gamma   90.00
#
_symmetry.space_group_name_H-M   'P 21 21 21'
#
loop_
_entity.id
_entity.type
_entity.pdbx_description
1 polymer 'ras-related C3 botulinum toxin substrate 1 isoform Rac1b'
2 non-polymer 'MAGNESIUM ION'
3 non-polymer 'PHOSPHOAMINOPHOSPHONIC ACID-GUANYLATE ESTER'
4 water water
#
_entity_poly.entity_id   1
_entity_poly.type   'polypeptide(L)'
_entity_poly.pdbx_seq_one_letter_code
;GSMQAIKCVVVGDGAVGKTCLLISYTTNAFPGEYIPTVFDNYSANVMVDGKPVNLGLWDTAGQEDYDRLRPLSYPQTVGE
TYGKDITSRGKDKPIADVFLICFSLVSPASFENVRAKWYPEVRHHCPNTPIILVGTKLDLRDDKDTIEKLKEKKLTPITY
PQGLAMAKEIGAVKYLECSALTQRGLKTVFDEAIRAVLCPPPV
;
_entity_poly.pdbx_strand_id   A,B
#
loop_
_chem_comp.id
_chem_comp.type
_chem_comp.name
_chem_comp.formula
GNP non-polymer 'PHOSPHOAMINOPHOSPHONIC ACID-GUANYLATE ESTER' 'C10 H17 N6 O13 P3'
MG non-polymer 'MAGNESIUM ION' 'Mg 2'
#
# COMPACT_ATOMS: atom_id res chain seq x y z
N GLY A 1 18.51 7.80 6.27
CA GLY A 1 17.15 8.03 5.65
C GLY A 1 16.12 7.35 6.52
N SER A 2 15.28 8.05 7.30
CA SER A 2 15.07 9.50 7.39
C SER A 2 14.20 9.88 6.24
N MET A 3 12.91 9.90 6.56
CA MET A 3 11.92 10.53 5.72
C MET A 3 10.80 11.05 6.58
N GLN A 4 10.16 12.06 6.04
CA GLN A 4 9.02 12.68 6.67
C GLN A 4 7.80 11.86 6.31
N ALA A 5 6.97 11.51 7.29
CA ALA A 5 5.63 10.97 6.99
C ALA A 5 4.60 12.10 6.79
N ILE A 6 3.79 11.99 5.71
CA ILE A 6 2.67 12.86 5.43
C ILE A 6 1.41 12.00 5.17
N LYS A 7 0.31 12.32 5.81
CA LYS A 7 -0.97 11.65 5.65
C LYS A 7 -1.86 12.48 4.74
N CYS A 8 -2.40 11.89 3.71
CA CYS A 8 -3.29 12.58 2.77
C CYS A 8 -4.59 11.76 2.66
N VAL A 9 -5.72 12.43 2.86
CA VAL A 9 -7.02 11.81 2.85
C VAL A 9 -7.75 12.25 1.58
N VAL A 10 -8.30 11.31 0.84
CA VAL A 10 -8.93 11.56 -0.43
C VAL A 10 -10.44 11.41 -0.34
N VAL A 11 -11.18 12.46 -0.69
CA VAL A 11 -12.65 12.46 -0.60
C VAL A 11 -13.28 12.99 -1.90
N GLY A 12 -14.57 12.71 -2.03
CA GLY A 12 -15.33 13.09 -3.19
C GLY A 12 -16.40 12.10 -3.51
N ASP A 13 -17.32 12.51 -4.38
CA ASP A 13 -18.46 11.68 -4.73
C ASP A 13 -18.13 10.29 -5.26
N GLY A 14 -19.11 9.41 -5.16
CA GLY A 14 -19.02 8.09 -5.73
C GLY A 14 -18.80 8.17 -7.21
N ALA A 15 -17.92 7.29 -7.68
CA ALA A 15 -17.56 7.10 -9.09
C ALA A 15 -16.72 8.20 -9.75
N VAL A 16 -16.17 9.12 -8.96
CA VAL A 16 -15.36 10.13 -9.59
C VAL A 16 -13.96 9.65 -9.93
N GLY A 17 -13.54 8.52 -9.33
CA GLY A 17 -12.23 7.93 -9.64
C GLY A 17 -11.16 7.98 -8.55
N LYS A 18 -11.58 8.03 -7.27
CA LYS A 18 -10.64 8.13 -6.17
C LYS A 18 -9.74 6.93 -6.07
N THR A 19 -10.34 5.75 -6.11
CA THR A 19 -9.60 4.49 -5.95
C THR A 19 -8.62 4.32 -7.11
N CYS A 20 -9.11 4.51 -8.32
CA CYS A 20 -8.23 4.41 -9.52
C CYS A 20 -7.11 5.47 -9.50
N LEU A 21 -7.37 6.70 -8.99
CA LEU A 21 -6.34 7.73 -8.83
C LEU A 21 -5.18 7.18 -7.96
N LEU A 22 -5.54 6.67 -6.79
CA LEU A 22 -4.54 6.18 -5.84
C LEU A 22 -3.78 4.95 -6.33
N ILE A 23 -4.49 4.01 -6.91
CA ILE A 23 -3.87 2.81 -7.46
C ILE A 23 -2.97 3.13 -8.66
N SER A 24 -3.42 4.00 -9.55
CA SER A 24 -2.60 4.39 -10.69
C SER A 24 -1.31 5.12 -10.26
N TYR A 25 -1.40 5.97 -9.26
CA TYR A 25 -0.25 6.69 -8.78
C TYR A 25 0.73 5.76 -8.09
N THR A 26 0.23 4.93 -7.19
CA THR A 26 1.14 4.13 -6.34
C THR A 26 1.67 2.88 -6.96
N THR A 27 0.98 2.30 -7.97
CA THR A 27 1.43 1.05 -8.61
C THR A 27 1.95 1.35 -10.00
N ASN A 28 1.72 2.57 -10.48
CA ASN A 28 1.94 2.99 -11.87
C ASN A 28 1.16 2.36 -12.96
N ALA A 29 0.10 1.68 -12.59
CA ALA A 29 -0.75 1.00 -13.56
C ALA A 29 -2.21 1.32 -13.19
N PHE A 30 -2.98 1.70 -14.21
CA PHE A 30 -4.43 1.88 -14.08
C PHE A 30 -5.05 0.52 -13.91
N PRO A 31 -5.90 0.34 -12.90
CA PRO A 31 -6.46 -0.99 -12.66
C PRO A 31 -7.51 -1.40 -13.68
N GLY A 32 -7.16 -2.36 -14.52
CA GLY A 32 -8.13 -3.12 -15.33
C GLY A 32 -8.88 -4.28 -14.66
N GLU A 33 -8.90 -4.37 -13.32
CA GLU A 33 -9.56 -5.44 -12.57
C GLU A 33 -10.24 -4.96 -11.27
N TYR A 34 -11.15 -5.79 -10.76
CA TYR A 34 -11.88 -5.55 -9.49
C TYR A 34 -10.95 -5.24 -8.29
N ILE A 35 -11.33 -4.28 -7.44
CA ILE A 35 -10.49 -3.82 -6.34
C ILE A 35 -11.19 -3.89 -4.97
N PRO A 36 -11.03 -5.00 -4.27
CA PRO A 36 -11.82 -5.22 -3.05
C PRO A 36 -11.47 -4.19 -2.01
N THR A 37 -12.46 -3.69 -1.28
CA THR A 37 -12.22 -2.76 -0.17
C THR A 37 -11.28 -3.41 0.88
N VAL A 38 -10.73 -4.58 0.51
CA VAL A 38 -9.45 -5.07 1.04
C VAL A 38 -8.49 -3.90 1.36
N PHE A 39 -8.28 -2.99 0.41
CA PHE A 39 -7.41 -1.85 0.63
C PHE A 39 -8.20 -0.55 0.86
N ASP A 40 -7.93 0.10 1.98
CA ASP A 40 -8.49 1.42 2.23
C ASP A 40 -7.40 2.51 2.25
N ASN A 41 -6.14 2.08 2.14
CA ASN A 41 -5.00 2.98 2.11
C ASN A 41 -3.82 2.42 1.32
N TYR A 42 -3.07 3.34 0.77
CA TYR A 42 -2.01 3.05 -0.16
C TYR A 42 -0.82 3.91 0.26
N SER A 43 0.36 3.61 -0.25
CA SER A 43 1.60 4.28 0.19
C SER A 43 2.53 4.50 -0.97
N ALA A 44 3.32 5.58 -0.88
CA ALA A 44 4.33 5.87 -1.87
C ALA A 44 5.47 6.61 -1.17
N ASN A 45 6.69 6.17 -1.44
CA ASN A 45 7.88 6.84 -0.98
C ASN A 45 8.37 7.68 -2.17
N VAL A 46 8.32 8.98 -2.02
CA VAL A 46 8.63 9.90 -3.09
C VAL A 46 9.59 10.98 -2.67
N MET A 47 10.32 11.50 -3.65
CA MET A 47 11.24 12.61 -3.43
C MET A 47 10.58 13.84 -4.00
N VAL A 48 10.36 14.87 -3.18
CA VAL A 48 9.84 16.14 -3.66
C VAL A 48 10.76 17.29 -3.24
N ASP A 49 11.29 18.00 -4.23
CA ASP A 49 12.21 19.14 -4.01
C ASP A 49 13.38 18.70 -3.13
N GLY A 50 13.92 17.51 -3.45
CA GLY A 50 15.08 16.95 -2.79
C GLY A 50 14.81 16.41 -1.39
N LYS A 51 13.53 16.22 -1.05
CA LYS A 51 13.13 15.80 0.31
C LYS A 51 12.42 14.41 0.22
N PRO A 52 12.95 13.37 0.87
CA PRO A 52 12.30 12.02 0.87
C PRO A 52 11.08 11.96 1.78
N VAL A 53 9.96 11.47 1.26
CA VAL A 53 8.70 11.55 1.97
C VAL A 53 7.98 10.22 1.86
N ASN A 54 7.40 9.77 2.97
CA ASN A 54 6.48 8.64 2.96
C ASN A 54 5.07 9.21 2.88
N LEU A 55 4.48 9.16 1.69
CA LEU A 55 3.13 9.64 1.51
C LEU A 55 2.11 8.54 1.78
N GLY A 56 1.27 8.72 2.80
CA GLY A 56 0.22 7.78 3.14
C GLY A 56 -1.08 8.25 2.59
N LEU A 57 -1.80 7.42 1.86
CA LEU A 57 -2.97 7.86 1.10
C LEU A 57 -4.24 7.14 1.53
N TRP A 58 -5.20 7.85 2.05
CA TRP A 58 -6.37 7.20 2.63
C TRP A 58 -7.61 7.39 1.79
N ASP A 59 -8.24 6.28 1.41
CA ASP A 59 -9.33 6.28 0.41
C ASP A 59 -10.68 6.29 1.16
N THR A 60 -11.71 6.93 0.59
CA THR A 60 -13.08 6.86 1.22
C THR A 60 -14.22 6.38 0.28
N ALA A 61 -15.37 6.05 0.88
CA ALA A 61 -16.61 5.81 0.15
C ALA A 61 -17.33 7.16 -0.05
N GLY A 62 -17.56 7.56 -1.31
CA GLY A 62 -18.07 8.90 -1.61
C GLY A 62 -19.58 9.03 -1.56
N ILE A 95 -5.34 11.91 11.52
CA ILE A 95 -5.30 13.36 11.34
C ILE A 95 -4.63 13.60 10.00
N ALA A 96 -5.38 14.12 9.05
CA ALA A 96 -4.83 14.40 7.76
C ALA A 96 -3.91 15.63 7.84
N ASP A 97 -2.78 15.57 7.14
CA ASP A 97 -1.93 16.71 6.88
C ASP A 97 -2.42 17.53 5.69
N VAL A 98 -3.09 16.84 4.75
CA VAL A 98 -3.65 17.47 3.55
C VAL A 98 -4.79 16.59 3.02
N PHE A 99 -5.79 17.24 2.44
CA PHE A 99 -6.92 16.60 1.81
C PHE A 99 -6.88 16.81 0.31
N LEU A 100 -7.28 15.79 -0.46
CA LEU A 100 -7.62 15.94 -1.86
C LEU A 100 -9.15 15.87 -1.93
N ILE A 101 -9.80 16.90 -2.42
CA ILE A 101 -11.22 16.82 -2.77
C ILE A 101 -11.33 16.63 -4.28
N CYS A 102 -11.97 15.56 -4.70
CA CYS A 102 -12.01 15.13 -6.06
C CYS A 102 -13.41 15.25 -6.63
N PHE A 103 -13.46 15.61 -7.90
CA PHE A 103 -14.70 15.62 -8.65
C PHE A 103 -14.34 15.25 -10.08
N SER A 104 -15.29 14.58 -10.76
CA SER A 104 -15.07 14.24 -12.14
C SER A 104 -15.34 15.40 -13.06
N LEU A 105 -14.39 15.70 -13.95
CA LEU A 105 -14.56 16.77 -14.95
C LEU A 105 -15.69 16.59 -15.91
N VAL A 106 -16.26 15.37 -16.01
CA VAL A 106 -17.46 15.10 -16.81
C VAL A 106 -18.69 14.79 -16.00
N SER A 107 -18.71 15.29 -14.76
CA SER A 107 -19.89 15.19 -13.88
C SER A 107 -20.15 16.47 -13.13
N PRO A 108 -20.91 17.38 -13.75
CA PRO A 108 -21.26 18.64 -13.07
C PRO A 108 -21.85 18.42 -11.65
N ALA A 109 -22.53 17.30 -11.44
CA ALA A 109 -23.16 17.04 -10.12
C ALA A 109 -22.09 16.80 -9.06
N SER A 110 -21.04 16.06 -9.45
CA SER A 110 -19.87 15.90 -8.54
C SER A 110 -19.11 17.18 -8.25
N PHE A 111 -19.09 18.10 -9.23
CA PHE A 111 -18.46 19.39 -9.04
C PHE A 111 -19.25 20.23 -8.04
N GLU A 112 -20.58 20.29 -8.17
CA GLU A 112 -21.38 21.10 -7.21
C GLU A 112 -21.17 20.59 -5.78
N ASN A 113 -21.05 19.26 -5.61
CA ASN A 113 -20.83 18.68 -4.30
C ASN A 113 -19.51 19.05 -3.68
N VAL A 114 -18.53 19.48 -4.48
CA VAL A 114 -17.30 20.03 -3.88
C VAL A 114 -17.62 21.12 -2.81
N ARG A 115 -18.43 22.11 -3.17
CA ARG A 115 -18.79 23.17 -2.20
C ARG A 115 -19.96 22.84 -1.31
N ALA A 116 -20.89 22.04 -1.81
CA ALA A 116 -22.12 21.74 -1.04
C ALA A 116 -21.90 20.70 0.09
N LYS A 117 -20.98 19.76 -0.13
CA LYS A 117 -20.71 18.65 0.77
C LYS A 117 -19.28 18.48 1.28
N TRP A 118 -18.32 18.33 0.36
CA TRP A 118 -16.96 17.92 0.71
C TRP A 118 -16.19 19.05 1.46
N TYR A 119 -16.21 20.29 0.94
CA TYR A 119 -15.59 21.42 1.61
C TYR A 119 -16.13 21.62 3.06
N PRO A 120 -17.43 21.73 3.26
CA PRO A 120 -17.93 21.86 4.65
C PRO A 120 -17.56 20.66 5.54
N GLU A 121 -17.57 19.47 5.00
CA GLU A 121 -17.31 18.28 5.79
C GLU A 121 -15.84 18.26 6.27
N VAL A 122 -14.91 18.63 5.39
CA VAL A 122 -13.49 18.68 5.70
C VAL A 122 -13.24 19.75 6.75
N ARG A 123 -13.88 20.90 6.56
CA ARG A 123 -13.64 22.06 7.39
C ARG A 123 -14.23 21.94 8.81
N HIS A 124 -15.24 21.10 8.98
CA HIS A 124 -15.79 20.84 10.34
C HIS A 124 -14.75 20.12 11.20
N HIS A 125 -14.07 19.15 10.63
CA HIS A 125 -13.04 18.41 11.35
C HIS A 125 -11.80 19.29 11.51
N CYS A 126 -11.44 19.98 10.41
CA CYS A 126 -10.09 20.48 10.24
C CYS A 126 -10.15 21.88 9.64
N PRO A 127 -10.17 22.93 10.45
CA PRO A 127 -10.35 24.27 9.89
C PRO A 127 -9.21 24.74 9.02
N ASN A 128 -8.01 24.24 9.28
CA ASN A 128 -6.78 24.81 8.72
C ASN A 128 -6.06 23.90 7.75
N THR A 129 -6.41 22.63 7.71
CA THR A 129 -5.69 21.64 6.91
C THR A 129 -5.77 21.99 5.41
N PRO A 130 -4.65 22.06 4.68
CA PRO A 130 -4.77 22.41 3.27
C PRO A 130 -5.62 21.47 2.47
N ILE A 131 -6.32 22.05 1.49
CA ILE A 131 -7.07 21.29 0.51
C ILE A 131 -6.50 21.47 -0.88
N ILE A 132 -6.38 20.38 -1.65
CA ILE A 132 -6.08 20.42 -3.07
C ILE A 132 -7.36 20.01 -3.78
N LEU A 133 -7.82 20.81 -4.70
CA LEU A 133 -9.01 20.45 -5.49
C LEU A 133 -8.51 19.70 -6.74
N VAL A 134 -9.07 18.51 -7.02
CA VAL A 134 -8.61 17.69 -8.10
C VAL A 134 -9.79 17.33 -9.00
N GLY A 135 -9.71 17.77 -10.26
CA GLY A 135 -10.59 17.37 -11.35
C GLY A 135 -10.04 16.10 -11.97
N THR A 136 -10.80 15.02 -11.89
CA THR A 136 -10.47 13.71 -12.47
C THR A 136 -11.08 13.42 -13.83
N LYS A 137 -10.58 12.35 -14.44
CA LYS A 137 -11.05 11.88 -15.74
C LYS A 137 -10.78 12.95 -16.82
N LEU A 138 -9.60 13.60 -16.73
CA LEU A 138 -9.22 14.60 -17.70
C LEU A 138 -9.25 14.09 -19.17
N ASP A 139 -8.98 12.81 -19.38
CA ASP A 139 -9.03 12.21 -20.72
C ASP A 139 -10.40 12.26 -21.38
N LEU A 140 -11.44 12.42 -20.59
CA LEU A 140 -12.79 12.44 -21.13
C LEU A 140 -13.30 13.85 -21.38
N ARG A 141 -12.63 14.89 -20.87
CA ARG A 141 -13.15 16.24 -21.05
C ARG A 141 -13.24 16.65 -22.53
N ASP A 142 -12.28 16.21 -23.34
CA ASP A 142 -12.29 16.41 -24.80
C ASP A 142 -12.74 15.23 -25.62
N ASP A 143 -13.32 14.26 -24.94
CA ASP A 143 -13.80 13.06 -25.56
C ASP A 143 -15.13 13.30 -26.22
N LYS A 144 -15.24 12.87 -27.48
CA LYS A 144 -16.35 13.32 -28.25
C LYS A 144 -17.64 12.72 -27.70
N ASP A 145 -17.63 11.43 -27.33
CA ASP A 145 -18.90 10.71 -27.03
C ASP A 145 -19.37 11.07 -25.62
N THR A 146 -18.40 11.39 -24.74
CA THR A 146 -18.72 11.91 -23.38
C THR A 146 -19.27 13.37 -23.38
N ILE A 147 -18.67 14.19 -24.22
CA ILE A 147 -19.34 15.50 -24.63
C ILE A 147 -20.80 15.30 -25.22
N GLU A 148 -20.96 14.37 -26.15
CA GLU A 148 -22.28 14.07 -26.84
C GLU A 148 -23.47 13.45 -25.95
N LYS A 149 -23.08 12.59 -24.99
CA LYS A 149 -24.01 12.00 -24.00
C LYS A 149 -24.36 13.02 -22.91
N LEU A 150 -23.43 13.93 -22.61
CA LEU A 150 -23.71 15.01 -21.66
C LEU A 150 -24.75 15.94 -22.36
N LYS A 151 -24.58 16.11 -23.69
CA LYS A 151 -25.31 17.21 -24.36
C LYS A 151 -26.80 16.77 -24.46
N GLU A 152 -27.00 15.46 -24.51
CA GLU A 152 -28.36 14.89 -24.35
C GLU A 152 -28.99 15.33 -23.00
N LYS A 153 -28.13 15.58 -21.95
CA LYS A 153 -28.61 16.02 -20.59
C LYS A 153 -28.44 17.53 -20.31
N LYS A 154 -28.18 18.30 -21.37
CA LYS A 154 -27.85 19.73 -21.27
C LYS A 154 -26.76 19.96 -20.26
N LEU A 155 -25.81 19.04 -20.26
CA LEU A 155 -24.62 19.22 -19.44
C LEU A 155 -23.39 19.40 -20.34
N THR A 156 -22.36 19.96 -19.75
CA THR A 156 -21.09 20.17 -20.43
C THR A 156 -19.96 19.92 -19.41
N PRO A 157 -18.77 19.50 -19.85
CA PRO A 157 -17.70 19.25 -18.90
C PRO A 157 -17.34 20.51 -18.18
N ILE A 158 -16.74 20.33 -17.02
CA ILE A 158 -16.15 21.44 -16.24
C ILE A 158 -14.84 21.90 -16.93
N THR A 159 -14.73 23.20 -17.16
CA THR A 159 -13.57 23.76 -17.80
C THR A 159 -12.52 24.10 -16.76
N TYR A 160 -11.29 24.31 -17.21
CA TYR A 160 -10.23 24.69 -16.32
C TYR A 160 -10.55 26.01 -15.54
N PRO A 161 -10.98 27.08 -16.18
CA PRO A 161 -11.37 28.26 -15.41
C PRO A 161 -12.49 28.04 -14.39
N GLN A 162 -13.48 27.19 -14.68
CA GLN A 162 -14.50 26.91 -13.68
C GLN A 162 -13.91 26.20 -12.48
N GLY A 163 -13.00 25.25 -12.73
CA GLY A 163 -12.36 24.51 -11.65
C GLY A 163 -11.54 25.45 -10.79
N LEU A 164 -10.80 26.34 -11.46
CA LEU A 164 -9.94 27.25 -10.74
C LEU A 164 -10.78 28.15 -9.83
N ALA A 165 -11.90 28.65 -10.36
CA ALA A 165 -12.83 29.48 -9.57
C ALA A 165 -13.43 28.70 -8.37
N MET A 166 -13.75 27.42 -8.53
CA MET A 166 -14.28 26.60 -7.42
C MET A 166 -13.16 26.44 -6.36
N ALA A 167 -11.92 26.29 -6.81
CA ALA A 167 -10.81 26.21 -5.85
C ALA A 167 -10.73 27.48 -5.00
N LYS A 168 -10.85 28.65 -5.60
CA LYS A 168 -10.82 29.89 -4.84
C LYS A 168 -12.01 29.95 -3.88
N GLU A 169 -13.15 29.48 -4.40
CA GLU A 169 -14.44 29.44 -3.65
C GLU A 169 -14.35 28.59 -2.34
N ILE A 170 -13.56 27.53 -2.36
CA ILE A 170 -13.43 26.63 -1.20
C ILE A 170 -12.08 26.86 -0.47
N GLY A 171 -11.31 27.83 -0.94
CA GLY A 171 -10.05 28.14 -0.32
C GLY A 171 -8.95 27.08 -0.50
N ALA A 172 -9.06 26.29 -1.53
CA ALA A 172 -8.02 25.31 -1.92
C ALA A 172 -6.72 25.97 -2.27
N VAL A 173 -5.61 25.37 -1.80
CA VAL A 173 -4.29 25.92 -2.06
C VAL A 173 -3.85 25.71 -3.51
N LYS A 174 -4.41 24.73 -4.17
CA LYS A 174 -4.11 24.41 -5.56
C LYS A 174 -5.32 23.72 -6.25
N TYR A 175 -5.43 23.93 -7.55
CA TYR A 175 -6.38 23.25 -8.40
C TYR A 175 -5.57 22.51 -9.46
N LEU A 176 -5.86 21.22 -9.59
CA LEU A 176 -5.14 20.35 -10.51
C LEU A 176 -6.10 19.43 -11.23
N GLU A 177 -5.79 19.11 -12.48
CA GLU A 177 -6.63 18.21 -13.31
C GLU A 177 -5.76 16.99 -13.68
N CYS A 178 -6.38 15.80 -13.71
CA CYS A 178 -5.59 14.60 -13.99
C CYS A 178 -6.43 13.50 -14.60
N SER A 179 -5.75 12.58 -15.23
CA SER A 179 -6.34 11.31 -15.65
C SER A 179 -5.60 10.18 -15.01
N ALA A 180 -6.29 9.34 -14.25
CA ALA A 180 -5.66 8.10 -13.74
C ALA A 180 -5.35 7.13 -14.91
N LEU A 181 -6.19 7.19 -15.94
CA LEU A 181 -6.16 6.24 -17.04
C LEU A 181 -4.87 6.49 -17.83
N THR A 182 -4.66 7.74 -18.27
CA THR A 182 -3.46 8.09 -19.05
C THR A 182 -2.27 8.53 -18.25
N GLN A 183 -2.51 8.82 -16.97
CA GLN A 183 -1.54 9.41 -16.04
C GLN A 183 -1.16 10.86 -16.30
N ARG A 184 -1.85 11.50 -17.22
CA ARG A 184 -1.61 12.92 -17.41
C ARG A 184 -1.96 13.71 -16.13
N GLY A 185 -1.06 14.57 -15.66
CA GLY A 185 -1.37 15.38 -14.52
C GLY A 185 -1.29 14.63 -13.18
N LEU A 186 -1.04 13.32 -13.21
CA LEU A 186 -1.22 12.47 -12.03
C LEU A 186 -0.13 12.69 -10.99
N LYS A 187 1.13 12.72 -11.38
CA LYS A 187 2.25 12.94 -10.43
C LYS A 187 2.17 14.30 -9.73
N THR A 188 1.72 15.32 -10.46
CA THR A 188 1.69 16.67 -9.95
C THR A 188 0.70 16.81 -8.81
N VAL A 189 -0.40 16.07 -8.88
CA VAL A 189 -1.42 16.06 -7.81
C VAL A 189 -0.72 15.80 -6.46
N PHE A 190 0.13 14.78 -6.41
CA PHE A 190 0.74 14.34 -5.14
C PHE A 190 1.95 15.18 -4.76
N ASP A 191 2.71 15.60 -5.75
CA ASP A 191 3.80 16.54 -5.54
C ASP A 191 3.20 17.76 -4.88
N GLU A 192 2.04 18.22 -5.33
CA GLU A 192 1.48 19.46 -4.79
C GLU A 192 0.87 19.26 -3.42
N ALA A 193 0.28 18.10 -3.19
CA ALA A 193 -0.27 17.76 -1.88
C ALA A 193 0.90 17.82 -0.84
N ILE A 194 2.07 17.27 -1.22
CA ILE A 194 3.28 17.26 -0.36
C ILE A 194 3.83 18.68 -0.14
N ARG A 195 3.87 19.47 -1.20
CA ARG A 195 4.42 20.84 -1.07
C ARG A 195 3.53 21.66 -0.19
N ALA A 196 2.23 21.37 -0.20
CA ALA A 196 1.26 22.07 0.64
C ALA A 196 1.55 21.88 2.16
N VAL A 197 2.11 20.71 2.52
CA VAL A 197 2.46 20.40 3.89
C VAL A 197 3.86 20.89 4.22
N LEU A 198 4.80 20.65 3.33
CA LEU A 198 6.20 20.99 3.56
C LEU A 198 6.42 22.50 3.51
N CYS A 199 5.63 23.19 2.69
CA CYS A 199 5.73 24.67 2.52
C CYS A 199 4.47 25.36 2.76
N PRO A 200 4.06 25.51 4.02
CA PRO A 200 2.82 26.27 4.25
C PRO A 200 3.01 27.77 3.87
N PRO A 201 1.94 28.49 3.58
CA PRO A 201 2.00 29.92 3.23
C PRO A 201 2.49 30.78 4.35
N PRO A 202 2.97 32.02 4.10
CA PRO A 202 3.27 32.94 5.21
C PRO A 202 1.99 33.25 5.99
N VAL A 203 2.15 33.59 7.29
CA VAL A 203 1.06 33.67 8.32
C VAL A 203 0.99 32.37 9.15
N GLY B 1 8.08 15.57 11.31
CA GLY B 1 8.15 14.22 11.97
C GLY B 1 8.76 13.12 11.11
N SER B 2 9.86 12.51 11.57
CA SER B 2 10.67 11.59 10.75
C SER B 2 10.61 10.16 11.21
N MET B 3 10.89 9.25 10.29
CA MET B 3 11.00 7.83 10.60
C MET B 3 12.16 7.27 9.82
N GLN B 4 12.70 6.16 10.32
CA GLN B 4 13.71 5.38 9.59
C GLN B 4 12.94 4.53 8.58
N ALA B 5 13.43 4.43 7.34
CA ALA B 5 12.79 3.59 6.33
C ALA B 5 13.54 2.27 6.29
N ILE B 6 12.82 1.17 6.21
CA ILE B 6 13.43 -0.13 6.12
C ILE B 6 12.74 -0.84 4.96
N LYS B 7 13.50 -1.45 4.06
CA LYS B 7 12.92 -2.22 2.97
C LYS B 7 13.06 -3.72 3.22
N CYS B 8 11.99 -4.47 3.08
CA CYS B 8 11.98 -5.91 3.40
C CYS B 8 11.43 -6.62 2.16
N VAL B 9 12.14 -7.64 1.67
CA VAL B 9 11.73 -8.39 0.48
C VAL B 9 11.33 -9.80 0.91
N VAL B 10 10.15 -10.25 0.47
CA VAL B 10 9.58 -11.53 0.88
C VAL B 10 9.65 -12.52 -0.28
N VAL B 11 10.30 -13.65 -0.05
CA VAL B 11 10.44 -14.70 -1.07
C VAL B 11 10.05 -16.09 -0.52
N GLY B 12 9.81 -17.04 -1.45
CA GLY B 12 9.39 -18.37 -1.07
C GLY B 12 8.56 -18.98 -2.18
N ASP B 13 8.37 -20.28 -2.09
CA ASP B 13 7.63 -21.02 -3.07
C ASP B 13 6.22 -20.48 -3.30
N GLY B 14 5.73 -20.76 -4.52
CA GLY B 14 4.35 -20.52 -4.86
C GLY B 14 3.43 -21.18 -3.84
N ALA B 15 2.40 -20.44 -3.41
CA ALA B 15 1.30 -20.93 -2.58
C ALA B 15 1.66 -21.04 -1.07
N VAL B 16 2.84 -20.59 -0.68
CA VAL B 16 3.18 -20.64 0.78
C VAL B 16 2.41 -19.62 1.61
N GLY B 17 1.87 -18.59 0.98
CA GLY B 17 1.12 -17.56 1.66
C GLY B 17 1.78 -16.21 1.83
N LYS B 18 2.70 -15.85 0.93
CA LYS B 18 3.43 -14.60 1.00
C LYS B 18 2.48 -13.38 0.88
N THR B 19 1.61 -13.40 -0.12
CA THR B 19 0.69 -12.28 -0.34
C THR B 19 -0.29 -12.09 0.83
N CYS B 20 -0.90 -13.19 1.29
CA CYS B 20 -1.78 -13.15 2.47
C CYS B 20 -1.07 -12.71 3.75
N LEU B 21 0.16 -13.14 3.94
CA LEU B 21 0.98 -12.68 5.05
C LEU B 21 1.06 -11.15 5.08
N LEU B 22 1.39 -10.58 3.92
CA LEU B 22 1.61 -9.13 3.84
C LEU B 22 0.28 -8.35 3.96
N ILE B 23 -0.79 -8.84 3.35
CA ILE B 23 -2.07 -8.19 3.46
C ILE B 23 -2.65 -8.31 4.83
N SER B 24 -2.54 -9.49 5.46
CA SER B 24 -3.12 -9.65 6.78
C SER B 24 -2.37 -8.71 7.76
N TYR B 25 -1.06 -8.61 7.60
CA TYR B 25 -0.30 -7.78 8.50
C TYR B 25 -0.64 -6.29 8.35
N THR B 26 -0.63 -5.84 7.11
CA THR B 26 -0.78 -4.40 6.84
C THR B 26 -2.19 -3.89 6.98
N THR B 27 -3.22 -4.73 6.73
CA THR B 27 -4.61 -4.29 6.79
C THR B 27 -5.34 -4.81 8.02
N ASN B 28 -4.69 -5.73 8.72
CA ASN B 28 -5.28 -6.50 9.83
C ASN B 28 -6.44 -7.38 9.50
N ALA B 29 -6.64 -7.64 8.22
CA ALA B 29 -7.66 -8.57 7.82
C ALA B 29 -7.04 -9.57 6.79
N PHE B 30 -7.26 -10.87 7.04
CA PHE B 30 -6.92 -11.95 6.08
C PHE B 30 -7.79 -11.82 4.82
N PRO B 31 -7.23 -11.75 3.61
CA PRO B 31 -8.03 -11.59 2.40
C PRO B 31 -8.71 -12.87 1.85
N GLY B 32 -10.03 -12.78 1.67
CA GLY B 32 -10.86 -13.70 0.88
C GLY B 32 -11.20 -13.31 -0.57
N GLU B 33 -10.25 -12.68 -1.29
CA GLU B 33 -10.42 -12.30 -2.72
C GLU B 33 -9.11 -12.39 -3.53
N TYR B 34 -9.21 -12.54 -4.84
CA TYR B 34 -8.01 -12.52 -5.71
C TYR B 34 -7.24 -11.17 -5.59
N ILE B 35 -5.93 -11.25 -5.52
CA ILE B 35 -5.06 -10.08 -5.41
C ILE B 35 -4.21 -9.90 -6.68
N PRO B 36 -4.58 -8.96 -7.54
CA PRO B 36 -3.78 -8.68 -8.75
C PRO B 36 -2.29 -8.49 -8.51
N THR B 37 -1.45 -8.91 -9.44
CA THR B 37 0.03 -8.87 -9.21
C THR B 37 0.67 -7.46 -9.31
N VAL B 38 -0.07 -6.47 -9.78
CA VAL B 38 0.41 -5.07 -9.82
C VAL B 38 0.55 -4.48 -8.40
N PHE B 39 -0.18 -5.04 -7.41
CA PHE B 39 0.13 -4.82 -5.99
C PHE B 39 1.31 -5.70 -5.69
N ASP B 40 2.48 -5.12 -5.72
CA ASP B 40 3.67 -5.92 -5.41
C ASP B 40 4.39 -5.38 -4.18
N ASN B 41 3.86 -4.32 -3.59
CA ASN B 41 4.40 -3.83 -2.34
C ASN B 41 3.36 -3.24 -1.43
N TYR B 42 3.70 -3.22 -0.16
CA TYR B 42 2.80 -2.87 0.92
C TYR B 42 3.61 -2.07 1.92
N SER B 43 2.94 -1.36 2.80
CA SER B 43 3.66 -0.48 3.72
C SER B 43 2.98 -0.51 5.08
N ALA B 44 3.77 -0.31 6.14
CA ALA B 44 3.25 -0.12 7.48
C ALA B 44 4.16 0.80 8.26
N ASN B 45 3.55 1.66 9.05
CA ASN B 45 4.30 2.55 9.91
C ASN B 45 4.17 1.97 11.30
N VAL B 46 5.29 1.53 11.89
CA VAL B 46 5.24 0.89 13.18
C VAL B 46 6.29 1.41 14.13
N MET B 47 6.03 1.25 15.41
CA MET B 47 6.96 1.63 16.46
C MET B 47 7.56 0.32 16.93
N VAL B 48 8.88 0.19 16.91
CA VAL B 48 9.54 -0.98 17.48
C VAL B 48 10.65 -0.50 18.39
N ASP B 49 10.63 -0.96 19.64
CA ASP B 49 11.66 -0.59 20.63
C ASP B 49 11.83 0.91 20.75
N GLY B 50 10.71 1.62 20.67
CA GLY B 50 10.75 3.05 20.89
C GLY B 50 11.04 3.81 19.60
N LYS B 51 11.20 3.11 18.46
CA LYS B 51 11.70 3.71 17.22
C LYS B 51 10.62 3.70 16.14
N PRO B 52 10.20 4.86 15.63
CA PRO B 52 9.25 4.93 14.50
C PRO B 52 9.88 4.49 13.19
N VAL B 53 9.24 3.55 12.52
CA VAL B 53 9.81 2.93 11.35
C VAL B 53 8.77 2.86 10.24
N ASN B 54 9.16 3.19 9.02
CA ASN B 54 8.34 2.90 7.84
C ASN B 54 8.85 1.61 7.21
N LEU B 55 8.07 0.53 7.28
CA LEU B 55 8.47 -0.76 6.73
C LEU B 55 7.87 -0.95 5.33
N GLY B 56 8.70 -1.05 4.30
CA GLY B 56 8.27 -1.25 2.93
C GLY B 56 8.41 -2.72 2.63
N LEU B 57 7.32 -3.36 2.19
CA LEU B 57 7.25 -4.81 2.08
C LEU B 57 7.08 -5.17 0.63
N TRP B 58 8.01 -5.92 0.06
CA TRP B 58 7.99 -6.20 -1.36
C TRP B 58 7.69 -7.65 -1.59
N ASP B 59 6.63 -7.88 -2.39
CA ASP B 59 6.08 -9.18 -2.63
C ASP B 59 6.65 -9.71 -3.95
N THR B 60 6.82 -11.02 -4.08
CA THR B 60 7.40 -11.58 -5.31
C THR B 60 6.51 -12.70 -5.85
N ILE B 95 18.10 -1.75 -2.41
CA ILE B 95 18.61 -2.99 -1.93
C ILE B 95 17.66 -3.36 -0.79
N ALA B 96 17.40 -4.65 -0.58
CA ALA B 96 16.75 -5.03 0.66
C ALA B 96 17.67 -4.78 1.87
N ASP B 97 17.06 -4.35 2.94
CA ASP B 97 17.67 -4.31 4.24
C ASP B 97 17.52 -5.63 4.99
N VAL B 98 16.49 -6.41 4.63
CA VAL B 98 16.20 -7.70 5.27
C VAL B 98 15.30 -8.51 4.32
N PHE B 99 15.50 -9.83 4.34
CA PHE B 99 14.69 -10.76 3.53
C PHE B 99 13.88 -11.60 4.50
N LEU B 100 12.62 -11.90 4.13
CA LEU B 100 11.88 -13.01 4.71
C LEU B 100 11.89 -14.14 3.75
N ILE B 101 12.40 -15.31 4.15
CA ILE B 101 12.25 -16.51 3.35
C ILE B 101 11.16 -17.33 3.96
N CYS B 102 10.11 -17.57 3.18
CA CYS B 102 8.88 -18.19 3.69
C CYS B 102 8.68 -19.60 3.13
N PHE B 103 8.20 -20.48 3.98
CA PHE B 103 7.74 -21.84 3.58
C PHE B 103 6.56 -22.19 4.41
N SER B 104 5.67 -23.01 3.84
CA SER B 104 4.49 -23.46 4.51
C SER B 104 4.82 -24.63 5.43
N LEU B 105 4.42 -24.51 6.68
CA LEU B 105 4.65 -25.60 7.62
C LEU B 105 3.99 -26.92 7.23
N VAL B 106 3.07 -26.90 6.28
CA VAL B 106 2.46 -28.11 5.78
C VAL B 106 2.84 -28.49 4.36
N SER B 107 3.97 -27.99 3.92
CA SER B 107 4.61 -28.37 2.64
C SER B 107 6.08 -28.64 2.81
N PRO B 108 6.46 -29.87 3.11
CA PRO B 108 7.89 -30.25 3.12
C PRO B 108 8.67 -29.83 1.85
N ALA B 109 8.02 -29.83 0.69
CA ALA B 109 8.67 -29.43 -0.56
C ALA B 109 9.09 -27.95 -0.46
N SER B 110 8.25 -27.13 0.13
CA SER B 110 8.57 -25.70 0.28
C SER B 110 9.69 -25.48 1.27
N PHE B 111 9.76 -26.36 2.26
CA PHE B 111 10.81 -26.28 3.31
C PHE B 111 12.15 -26.62 2.67
N GLU B 112 12.19 -27.71 1.91
CA GLU B 112 13.44 -28.09 1.20
C GLU B 112 13.94 -26.97 0.32
N ASN B 113 13.03 -26.23 -0.34
CA ASN B 113 13.44 -25.14 -1.21
C ASN B 113 14.04 -23.92 -0.48
N VAL B 114 13.82 -23.81 0.83
CA VAL B 114 14.49 -22.82 1.65
C VAL B 114 15.99 -22.92 1.38
N ARG B 115 16.54 -24.12 1.54
CA ARG B 115 17.98 -24.26 1.38
C ARG B 115 18.38 -24.55 -0.02
N ALA B 116 17.51 -25.21 -0.79
CA ALA B 116 17.91 -25.58 -2.17
C ALA B 116 17.82 -24.42 -3.17
N LYS B 117 16.91 -23.48 -2.95
CA LYS B 117 16.65 -22.38 -3.87
C LYS B 117 16.76 -20.96 -3.29
N TRP B 118 16.02 -20.68 -2.22
CA TRP B 118 15.85 -19.29 -1.74
C TRP B 118 17.09 -18.77 -1.08
N TYR B 119 17.66 -19.52 -0.16
CA TYR B 119 18.89 -19.12 0.49
C TYR B 119 20.02 -18.87 -0.52
N PRO B 120 20.28 -19.78 -1.45
CA PRO B 120 21.29 -19.48 -2.50
C PRO B 120 20.94 -18.27 -3.32
N GLU B 121 19.69 -18.13 -3.72
CA GLU B 121 19.35 -16.99 -4.57
C GLU B 121 19.54 -15.63 -3.86
N VAL B 122 19.13 -15.58 -2.59
CA VAL B 122 19.34 -14.40 -1.77
C VAL B 122 20.82 -14.12 -1.62
N ARG B 123 21.61 -15.14 -1.30
CA ARG B 123 23.00 -14.90 -0.99
C ARG B 123 23.83 -14.50 -2.20
N HIS B 124 23.44 -15.00 -3.37
CA HIS B 124 24.04 -14.58 -4.66
C HIS B 124 23.94 -13.06 -4.81
N HIS B 125 22.75 -12.52 -4.62
CA HIS B 125 22.58 -11.08 -4.83
C HIS B 125 23.15 -10.28 -3.63
N CYS B 126 23.04 -10.84 -2.42
CA CYS B 126 23.24 -10.15 -1.17
C CYS B 126 23.93 -11.04 -0.12
N PRO B 127 25.26 -11.01 -0.03
CA PRO B 127 26.00 -11.90 0.89
C PRO B 127 25.80 -11.67 2.41
N ASN B 128 25.46 -10.43 2.79
CA ASN B 128 25.44 -10.02 4.19
C ASN B 128 24.04 -9.69 4.72
N THR B 129 23.07 -9.47 3.85
CA THR B 129 21.75 -8.99 4.29
C THR B 129 21.09 -9.98 5.22
N PRO B 130 20.55 -9.56 6.37
CA PRO B 130 19.93 -10.57 7.24
C PRO B 130 18.69 -11.25 6.64
N ILE B 131 18.55 -12.51 6.96
CA ILE B 131 17.40 -13.30 6.59
C ILE B 131 16.60 -13.74 7.84
N ILE B 132 15.28 -13.59 7.82
CA ILE B 132 14.36 -14.16 8.80
C ILE B 132 13.70 -15.36 8.11
N LEU B 133 13.76 -16.54 8.69
CA LEU B 133 13.05 -17.73 8.17
C LEU B 133 11.66 -17.77 8.79
N VAL B 134 10.63 -17.85 7.94
CA VAL B 134 9.24 -17.78 8.37
C VAL B 134 8.50 -19.02 7.95
N GLY B 135 7.97 -19.78 8.95
CA GLY B 135 7.03 -20.88 8.64
C GLY B 135 5.66 -20.31 8.67
N THR B 136 4.91 -20.54 7.60
CA THR B 136 3.55 -20.02 7.40
C THR B 136 2.49 -21.07 7.61
N LYS B 137 1.26 -20.65 7.76
CA LYS B 137 0.07 -21.54 7.86
C LYS B 137 0.20 -22.40 9.14
N LEU B 138 0.64 -21.77 10.23
CA LEU B 138 0.75 -22.44 11.49
C LEU B 138 -0.56 -23.00 11.92
N ASP B 139 -1.67 -22.38 11.52
CA ASP B 139 -2.99 -22.90 11.84
C ASP B 139 -3.24 -24.32 11.32
N LEU B 140 -2.55 -24.69 10.23
CA LEU B 140 -2.77 -25.99 9.61
C LEU B 140 -1.91 -27.10 10.21
N ARG B 141 -0.90 -26.76 11.01
CA ARG B 141 -0.02 -27.80 11.53
C ARG B 141 -0.74 -28.82 12.43
N ASP B 142 -1.70 -28.33 13.20
CA ASP B 142 -2.54 -29.19 14.07
C ASP B 142 -3.95 -29.46 13.50
N ASP B 143 -4.18 -29.18 12.21
CA ASP B 143 -5.43 -29.48 11.49
C ASP B 143 -5.57 -30.96 11.05
N LYS B 144 -6.67 -31.61 11.49
CA LYS B 144 -6.80 -33.10 11.38
C LYS B 144 -6.89 -33.61 9.91
N ASP B 145 -7.66 -32.91 9.11
CA ASP B 145 -7.67 -33.14 7.63
C ASP B 145 -6.34 -32.86 6.86
N THR B 146 -5.63 -31.79 7.23
CA THR B 146 -4.26 -31.46 6.67
C THR B 146 -3.10 -32.41 7.07
N ILE B 147 -3.08 -32.80 8.32
CA ILE B 147 -2.19 -33.91 8.75
C ILE B 147 -2.53 -35.21 7.96
N GLU B 148 -3.82 -35.52 7.82
CA GLU B 148 -4.21 -36.78 7.20
C GLU B 148 -3.73 -36.80 5.73
N LYS B 149 -4.02 -35.75 4.97
CA LYS B 149 -3.66 -35.70 3.53
C LYS B 149 -2.17 -35.86 3.36
N LEU B 150 -1.42 -35.11 4.19
CA LEU B 150 0.00 -35.33 4.22
C LEU B 150 0.36 -36.81 4.49
N LYS B 151 -0.27 -37.40 5.51
CA LYS B 151 -0.04 -38.82 5.82
C LYS B 151 -0.18 -39.71 4.63
N GLU B 152 -1.16 -39.41 3.76
CA GLU B 152 -1.42 -40.25 2.57
C GLU B 152 -0.22 -40.20 1.58
N LYS B 153 0.65 -39.16 1.74
CA LYS B 153 1.94 -39.05 1.02
C LYS B 153 3.19 -39.07 1.99
N LYS B 154 3.00 -39.76 3.10
CA LYS B 154 4.08 -40.11 4.07
C LYS B 154 4.86 -38.90 4.34
N LEU B 155 4.11 -37.82 4.32
CA LEU B 155 4.61 -36.54 4.71
C LEU B 155 4.05 -36.23 6.08
N THR B 156 4.76 -35.37 6.75
CA THR B 156 4.28 -34.81 8.02
C THR B 156 4.63 -33.33 8.10
N PRO B 157 3.91 -32.55 8.88
CA PRO B 157 4.23 -31.11 8.97
C PRO B 157 5.58 -30.87 9.56
N ILE B 158 6.15 -29.74 9.18
CA ILE B 158 7.43 -29.32 9.70
C ILE B 158 7.26 -28.87 11.12
N THR B 159 8.13 -29.36 11.99
CA THR B 159 8.09 -29.04 13.41
C THR B 159 8.90 -27.80 13.73
N TYR B 160 8.64 -27.22 14.92
CA TYR B 160 9.45 -26.07 15.38
C TYR B 160 10.97 -26.39 15.44
N PRO B 161 11.41 -27.50 16.06
CA PRO B 161 12.87 -27.79 16.05
C PRO B 161 13.43 -28.00 14.66
N GLN B 162 12.67 -28.58 13.74
CA GLN B 162 13.13 -28.68 12.38
C GLN B 162 13.34 -27.31 11.74
N GLY B 163 12.36 -26.41 11.91
CA GLY B 163 12.46 -25.07 11.39
C GLY B 163 13.64 -24.33 12.00
N LEU B 164 13.87 -24.52 13.30
CA LEU B 164 14.94 -23.78 13.95
C LEU B 164 16.31 -24.28 13.36
N ALA B 165 16.38 -25.59 13.14
CA ALA B 165 17.59 -26.21 12.61
C ALA B 165 17.83 -25.71 11.19
N MET B 166 16.78 -25.54 10.40
CA MET B 166 16.94 -25.01 9.05
C MET B 166 17.41 -23.56 9.09
N ALA B 167 16.95 -22.81 10.07
CA ALA B 167 17.40 -21.44 10.25
C ALA B 167 18.88 -21.37 10.50
N LYS B 168 19.44 -22.28 11.29
CA LYS B 168 20.84 -22.27 11.51
C LYS B 168 21.56 -22.67 10.26
N GLU B 169 20.94 -23.60 9.54
CA GLU B 169 21.58 -24.14 8.35
C GLU B 169 21.74 -23.08 7.24
N ILE B 170 20.85 -22.07 7.18
CA ILE B 170 20.94 -20.97 6.22
C ILE B 170 21.47 -19.70 6.83
N GLY B 171 21.84 -19.79 8.10
CA GLY B 171 22.36 -18.62 8.82
C GLY B 171 21.30 -17.47 8.97
N ALA B 172 20.03 -17.82 9.03
CA ALA B 172 18.96 -16.89 9.39
C ALA B 172 19.17 -16.35 10.80
N VAL B 173 18.87 -15.06 10.98
CA VAL B 173 19.04 -14.45 12.29
C VAL B 173 17.89 -14.78 13.25
N LYS B 174 16.77 -15.23 12.71
CA LYS B 174 15.64 -15.63 13.51
C LYS B 174 14.79 -16.61 12.73
N TYR B 175 14.08 -17.49 13.48
CA TYR B 175 13.06 -18.41 12.91
C TYR B 175 11.76 -18.11 13.64
N LEU B 176 10.69 -17.89 12.88
CA LEU B 176 9.37 -17.53 13.43
C LEU B 176 8.32 -18.28 12.66
N GLU B 177 7.27 -18.65 13.38
CA GLU B 177 6.12 -19.35 12.76
C GLU B 177 4.92 -18.43 12.94
N CYS B 178 4.05 -18.41 11.93
CA CYS B 178 2.83 -17.59 11.97
C CYS B 178 1.70 -18.18 11.12
N SER B 179 0.51 -17.65 11.38
CA SER B 179 -0.68 -17.82 10.57
C SER B 179 -1.17 -16.43 10.12
N ALA B 180 -1.22 -16.19 8.82
CA ALA B 180 -1.94 -15.04 8.30
C ALA B 180 -3.45 -15.06 8.61
N LEU B 181 -4.01 -16.26 8.67
CA LEU B 181 -5.44 -16.45 8.81
C LEU B 181 -5.86 -16.08 10.22
N THR B 182 -5.12 -16.53 11.24
CA THR B 182 -5.53 -16.23 12.62
C THR B 182 -4.78 -15.07 13.20
N GLN B 183 -3.71 -14.71 12.51
CA GLN B 183 -2.79 -13.63 12.92
C GLN B 183 -1.88 -14.05 14.09
N ARG B 184 -1.94 -15.30 14.53
CA ARG B 184 -0.96 -15.79 15.55
C ARG B 184 0.46 -15.73 14.99
N GLY B 185 1.33 -15.06 15.74
CA GLY B 185 2.72 -14.89 15.41
C GLY B 185 3.04 -13.90 14.30
N LEU B 186 2.03 -13.24 13.77
CA LEU B 186 2.22 -12.42 12.60
C LEU B 186 2.96 -11.13 12.83
N LYS B 187 2.61 -10.36 13.85
CA LYS B 187 3.27 -9.09 14.10
C LYS B 187 4.74 -9.31 14.47
N THR B 188 5.04 -10.44 15.13
CA THR B 188 6.41 -10.71 15.56
C THR B 188 7.38 -10.87 14.38
N VAL B 189 6.87 -11.45 13.29
CA VAL B 189 7.67 -11.62 12.08
C VAL B 189 8.26 -10.26 11.66
N PHE B 190 7.40 -9.24 11.65
CA PHE B 190 7.78 -7.89 11.20
C PHE B 190 8.54 -7.09 12.21
N ASP B 191 8.21 -7.21 13.49
CA ASP B 191 8.99 -6.59 14.53
C ASP B 191 10.43 -7.13 14.49
N GLU B 192 10.59 -8.46 14.27
CA GLU B 192 11.95 -9.07 14.29
C GLU B 192 12.68 -8.72 13.01
N ALA B 193 11.96 -8.64 11.89
CA ALA B 193 12.60 -8.13 10.64
C ALA B 193 13.19 -6.73 10.85
N ILE B 194 12.46 -5.83 11.51
CA ILE B 194 12.93 -4.50 11.85
C ILE B 194 14.11 -4.57 12.83
N ARG B 195 14.00 -5.42 13.86
CA ARG B 195 15.13 -5.51 14.85
C ARG B 195 16.42 -6.01 14.19
N ALA B 196 16.28 -6.91 13.20
CA ALA B 196 17.48 -7.40 12.49
C ALA B 196 18.24 -6.31 11.72
N VAL B 197 17.51 -5.25 11.36
CA VAL B 197 18.10 -4.09 10.73
C VAL B 197 18.58 -3.05 11.72
N LEU B 198 17.81 -2.73 12.76
CA LEU B 198 18.17 -1.64 13.66
C LEU B 198 19.31 -2.07 14.56
N CYS B 199 19.45 -3.39 14.74
CA CYS B 199 20.43 -3.99 15.66
C CYS B 199 21.12 -5.18 15.05
N PRO B 200 22.06 -4.95 14.14
CA PRO B 200 22.83 -6.05 13.53
C PRO B 200 24.05 -6.46 14.36
N PRO B 201 24.33 -7.76 14.40
CA PRO B 201 25.55 -8.29 15.03
C PRO B 201 26.82 -7.70 14.39
MG MG C . -13.40 3.81 -4.54
PG GNP D . -16.37 4.95 -4.87
O1G GNP D . -16.55 6.31 -4.21
O2G GNP D . -15.49 3.89 -4.21
O3G GNP D . -17.70 4.43 -5.03
N3B GNP D . -15.82 5.26 -6.39
PB GNP D . -14.38 5.85 -6.81
O1B GNP D . -14.41 7.30 -6.67
O2B GNP D . -13.38 5.10 -6.06
O3A GNP D . -14.17 5.57 -8.32
PA GNP D . -13.30 4.45 -9.02
O1A GNP D . -11.87 4.76 -8.91
O2A GNP D . -13.87 3.14 -8.62
O5' GNP D . -13.61 4.64 -10.58
C5' GNP D . -14.97 4.78 -11.04
C4' GNP D . -15.14 4.47 -12.53
O4' GNP D . -14.42 5.52 -13.25
C3' GNP D . -14.53 3.17 -12.98
O3' GNP D . -15.24 2.61 -14.08
C2' GNP D . -13.14 3.53 -13.43
O2' GNP D . -12.57 2.69 -14.42
C1' GNP D . -13.42 4.91 -14.05
N9 GNP D . -12.26 5.81 -14.05
C8 GNP D . -11.50 6.13 -12.96
N7 GNP D . -10.54 7.00 -13.24
C5 GNP D . -10.69 7.24 -14.61
C6 GNP D . -9.94 8.07 -15.49
O6 GNP D . -8.98 8.79 -15.20
N1 GNP D . -10.44 8.08 -16.78
C2 GNP D . -11.52 7.32 -17.25
N2 GNP D . -11.91 7.38 -18.58
N3 GNP D . -12.22 6.50 -16.41
C4 GNP D . -11.77 6.56 -15.12
MG MG E . 1.42 -14.01 -3.95
PG GNP F . 2.20 -16.92 -5.20
O1G GNP F . 3.67 -17.08 -5.01
O2G GNP F . 1.78 -15.50 -5.33
O3G GNP F . 1.73 -17.72 -6.36
N3B GNP F . 1.43 -17.46 -3.86
PB GNP F . 1.56 -16.81 -2.36
O1B GNP F . 2.75 -17.30 -1.66
O2B GNP F . 1.44 -15.33 -2.39
O3A GNP F . 0.29 -17.37 -1.54
PA GNP F . -1.08 -16.68 -1.24
O1A GNP F . -0.86 -15.67 -0.17
O2A GNP F . -1.78 -16.29 -2.49
O5' GNP F . -1.87 -17.83 -0.47
C5' GNP F . -2.06 -19.08 -1.11
C4' GNP F . -3.20 -19.89 -0.50
O4' GNP F . -2.84 -20.09 0.93
C3' GNP F . -4.50 -19.19 -0.52
O3' GNP F . -5.61 -20.14 -0.83
C2' GNP F . -4.56 -18.60 0.88
O2' GNP F . -5.89 -18.39 1.30
C1' GNP F . -3.92 -19.67 1.73
N9 GNP F . -3.34 -19.15 2.97
C8 GNP F . -2.45 -18.12 3.09
N7 GNP F . -2.04 -17.91 4.32
C5 GNP F . -2.71 -18.86 5.05
C6 GNP F . -2.67 -19.13 6.43
O6 GNP F . -2.07 -18.48 7.28
N1 GNP F . -3.46 -20.21 6.80
C2 GNP F . -4.25 -20.97 5.90
N2 GNP F . -5.07 -22.01 6.34
N3 GNP F . -4.30 -20.68 4.57
C4 GNP F . -3.49 -19.68 4.23
#